data_4YXZ
#
_entry.id   4YXZ
#
_cell.length_a   41.736
_cell.length_b   72.019
_cell.length_c   86.186
_cell.angle_alpha   90.000
_cell.angle_beta   90.000
_cell.angle_gamma   90.000
#
_symmetry.space_group_name_H-M   'P 21 21 21'
#
_entity_poly.entity_id   1
_entity_poly.type   'polypeptide(L)'
_entity_poly.pdbx_seq_one_letter_code
;GSSMASGISVEELLKLAKAAYYSGTTVEEAYKLALKLGISVEELLKLAEAAYYSGTTVEEAYKLALKLGISVEELLKLAK
AAYYSGTTVEEAYKLALKLGISVEELLKLAKAAYYSGTTVEEAYKLALKLGISVEELLKLAEAAYYSGTTVEEAYKLALK
LGISVEELLKLAKAAYYSGTTVEEAYKLALKLGISVEELLKLAKAAYYSGTTVEEAYKLALKLGISVEELLKLAEAAYYS
GTTVEEAYKLALKLGISVEELLKLAKAAYYSGTTVEEAYKLALKLG
;
_entity_poly.pdbx_strand_id   A
#
# COMPACT_ATOMS: atom_id res chain seq x y z
N ILE A 8 -4.44 -20.35 -14.98
CA ILE A 8 -4.90 -19.26 -14.11
C ILE A 8 -4.48 -17.89 -14.62
N SER A 9 -5.23 -16.85 -14.27
CA SER A 9 -4.94 -15.48 -14.72
C SER A 9 -3.80 -14.87 -13.95
N VAL A 10 -3.20 -13.81 -14.48
CA VAL A 10 -2.07 -13.15 -13.83
C VAL A 10 -2.45 -12.55 -12.47
N GLU A 11 -3.66 -12.02 -12.38
CA GLU A 11 -4.21 -11.53 -11.10
C GLU A 11 -4.20 -12.65 -10.03
N GLU A 12 -4.76 -13.79 -10.40
CA GLU A 12 -4.66 -15.01 -9.60
C GLU A 12 -3.25 -15.34 -9.16
N LEU A 13 -2.34 -15.36 -10.13
CA LEU A 13 -0.96 -15.71 -9.83
C LEU A 13 -0.40 -14.76 -8.79
N LEU A 14 -0.76 -13.49 -8.90
CA LEU A 14 -0.33 -12.51 -7.94
C LEU A 14 -0.86 -12.82 -6.55
N LYS A 15 -2.17 -12.99 -6.43
CA LYS A 15 -2.77 -13.33 -5.14
C LYS A 15 -2.05 -14.53 -4.52
N LEU A 16 -1.86 -15.56 -5.34
CA LEU A 16 -1.24 -16.79 -4.93
C LEU A 16 0.16 -16.52 -4.38
N ALA A 17 1.03 -15.94 -5.20
CA ALA A 17 2.34 -15.46 -4.77
C ALA A 17 2.33 -14.66 -3.46
N LYS A 18 1.49 -13.63 -3.37
CA LYS A 18 1.47 -12.83 -2.15
C LYS A 18 1.09 -13.71 -0.95
N ALA A 19 0.20 -14.67 -1.18
CA ALA A 19 -0.23 -15.56 -0.10
C ALA A 19 0.90 -16.52 0.31
N ALA A 20 1.68 -17.00 -0.66
CA ALA A 20 2.82 -17.85 -0.37
C ALA A 20 3.78 -17.07 0.51
N TYR A 21 4.13 -15.89 0.02
CA TYR A 21 5.06 -15.01 0.70
C TYR A 21 4.64 -14.81 2.16
N TYR A 22 3.41 -14.34 2.39
CA TYR A 22 2.94 -14.08 3.77
C TYR A 22 2.74 -15.35 4.62
N SER A 23 2.38 -16.45 3.96
CA SER A 23 2.22 -17.74 4.60
C SER A 23 3.55 -18.28 5.06
N GLY A 24 4.57 -18.09 4.24
CA GLY A 24 5.86 -18.72 4.49
C GLY A 24 5.98 -20.03 3.75
N THR A 25 5.23 -20.16 2.65
CA THR A 25 5.19 -21.41 1.92
C THR A 25 5.61 -21.28 0.47
N THR A 26 5.93 -22.42 -0.13
CA THR A 26 6.00 -22.55 -1.59
C THR A 26 4.63 -22.23 -2.17
N VAL A 27 4.61 -21.72 -3.40
CA VAL A 27 3.37 -21.49 -4.12
C VAL A 27 2.47 -22.74 -4.12
N GLU A 28 3.09 -23.86 -4.48
CA GLU A 28 2.42 -25.17 -4.46
C GLU A 28 1.78 -25.42 -3.10
N GLU A 29 2.57 -25.17 -2.06
CA GLU A 29 2.12 -25.42 -0.72
C GLU A 29 1.01 -24.46 -0.34
N ALA A 30 1.07 -23.24 -0.86
CA ALA A 30 -0.03 -22.30 -0.66
C ALA A 30 -1.32 -22.90 -1.19
N TYR A 31 -1.26 -23.49 -2.39
CA TYR A 31 -2.45 -24.15 -2.93
C TYR A 31 -2.94 -25.27 -2.01
N LYS A 32 -2.00 -26.10 -1.58
CA LYS A 32 -2.34 -27.22 -0.70
C LYS A 32 -3.00 -26.73 0.59
N LEU A 33 -2.49 -25.63 1.14
CA LEU A 33 -3.03 -25.07 2.37
C LEU A 33 -4.44 -24.55 2.13
N ALA A 34 -4.67 -23.99 0.95
CA ALA A 34 -6.02 -23.53 0.63
C ALA A 34 -6.95 -24.72 0.59
N LEU A 35 -6.44 -25.86 0.13
CA LEU A 35 -7.23 -27.08 0.11
C LEU A 35 -7.55 -27.52 1.54
N LYS A 36 -6.50 -27.70 2.34
CA LYS A 36 -6.61 -28.16 3.72
C LYS A 36 -7.63 -27.37 4.53
N LEU A 37 -7.67 -26.05 4.32
CA LEU A 37 -8.61 -25.20 5.04
C LEU A 37 -9.92 -25.04 4.29
N GLY A 38 -9.99 -25.65 3.10
CA GLY A 38 -11.15 -25.50 2.24
C GLY A 38 -11.47 -24.05 1.89
N ILE A 39 -10.44 -23.21 1.82
CA ILE A 39 -10.63 -21.78 1.59
C ILE A 39 -10.25 -21.41 0.16
N SER A 40 -10.78 -20.28 -0.34
CA SER A 40 -10.37 -19.76 -1.64
C SER A 40 -8.98 -19.07 -1.55
N VAL A 41 -8.48 -18.54 -2.66
CA VAL A 41 -7.10 -18.03 -2.68
C VAL A 41 -7.05 -16.61 -2.12
N GLU A 42 -8.07 -15.80 -2.46
CA GLU A 42 -8.25 -14.48 -1.86
C GLU A 42 -8.36 -14.66 -0.35
N GLU A 43 -9.11 -15.69 0.02
CA GLU A 43 -9.34 -16.02 1.42
C GLU A 43 -8.03 -16.26 2.12
N LEU A 44 -7.30 -17.23 1.57
CA LEU A 44 -6.01 -17.60 2.09
C LEU A 44 -5.09 -16.39 2.22
N LEU A 45 -5.06 -15.52 1.21
CA LEU A 45 -4.18 -14.35 1.29
C LEU A 45 -4.53 -13.49 2.51
N LYS A 46 -5.81 -13.13 2.62
CA LYS A 46 -6.25 -12.27 3.72
C LYS A 46 -5.91 -12.93 5.06
N LEU A 47 -6.10 -14.24 5.11
CA LEU A 47 -5.85 -14.99 6.32
C LEU A 47 -4.34 -15.02 6.66
N ALA A 48 -3.52 -15.11 5.63
CA ALA A 48 -2.08 -15.15 5.81
C ALA A 48 -1.56 -13.80 6.29
N GLU A 49 -2.12 -12.71 5.76
CA GLU A 49 -1.76 -11.40 6.28
C GLU A 49 -2.20 -11.26 7.73
N ALA A 50 -3.40 -11.76 8.04
CA ALA A 50 -3.91 -11.73 9.41
C ALA A 50 -2.92 -12.40 10.36
N ALA A 51 -2.46 -13.58 9.95
CA ALA A 51 -1.52 -14.35 10.73
C ALA A 51 -0.22 -13.55 10.93
N TYR A 52 0.27 -13.01 9.82
CA TYR A 52 1.48 -12.19 9.81
C TYR A 52 1.43 -11.04 10.82
N TYR A 53 0.40 -10.22 10.73
CA TYR A 53 0.24 -9.06 11.60
C TYR A 53 -0.04 -9.42 13.06
N SER A 54 -0.65 -10.59 13.30
CA SER A 54 -1.03 -10.91 14.67
C SER A 54 -0.10 -11.90 15.34
N GLY A 55 0.96 -12.30 14.66
CA GLY A 55 1.95 -13.18 15.25
C GLY A 55 1.66 -14.66 15.16
N THR A 56 0.68 -15.07 14.36
CA THR A 56 0.29 -16.47 14.33
C THR A 56 0.54 -17.19 13.02
N THR A 57 0.38 -18.51 13.06
CA THR A 57 0.35 -19.36 11.88
C THR A 57 -0.99 -19.19 11.19
N VAL A 58 -1.05 -19.48 9.89
CA VAL A 58 -2.27 -19.24 9.13
C VAL A 58 -3.39 -20.12 9.65
N GLU A 59 -3.04 -21.37 9.96
CA GLU A 59 -4.03 -22.32 10.44
C GLU A 59 -4.67 -21.78 11.72
N GLU A 60 -3.83 -21.20 12.58
CA GLU A 60 -4.26 -20.62 13.85
C GLU A 60 -5.20 -19.45 13.63
N ALA A 61 -4.95 -18.69 12.59
CA ALA A 61 -5.73 -17.51 12.31
C ALA A 61 -7.10 -17.94 11.81
N TYR A 62 -7.11 -19.00 11.00
CA TYR A 62 -8.35 -19.61 10.55
C TYR A 62 -9.20 -20.06 11.74
N LYS A 63 -8.56 -20.84 12.61
CA LYS A 63 -9.23 -21.37 13.79
C LYS A 63 -9.75 -20.21 14.64
N LEU A 64 -9.00 -19.13 14.65
CA LEU A 64 -9.37 -17.98 15.47
C LEU A 64 -10.61 -17.31 14.90
N ALA A 65 -10.67 -17.21 13.58
CA ALA A 65 -11.80 -16.58 12.93
C ALA A 65 -13.06 -17.40 13.21
N LEU A 66 -12.97 -18.70 12.98
CA LEU A 66 -14.06 -19.61 13.33
C LEU A 66 -14.50 -19.40 14.79
N LYS A 67 -13.55 -19.42 15.73
CA LYS A 67 -13.87 -19.39 17.16
C LYS A 67 -14.53 -18.07 17.56
N LEU A 68 -14.04 -16.98 16.99
CA LEU A 68 -14.58 -15.67 17.27
C LEU A 68 -15.91 -15.46 16.54
N GLY A 69 -16.15 -16.26 15.51
CA GLY A 69 -17.36 -16.16 14.70
C GLY A 69 -17.35 -14.96 13.78
N ILE A 70 -16.15 -14.61 13.29
CA ILE A 70 -16.00 -13.44 12.44
C ILE A 70 -15.37 -13.80 11.09
N SER A 71 -15.64 -12.97 10.07
CA SER A 71 -15.08 -13.18 8.74
C SER A 71 -13.59 -12.93 8.74
N VAL A 72 -12.93 -13.32 7.65
CA VAL A 72 -11.48 -13.23 7.55
C VAL A 72 -11.05 -11.79 7.29
N GLU A 73 -11.93 -11.04 6.64
CA GLU A 73 -11.67 -9.61 6.43
C GLU A 73 -11.63 -8.92 7.77
N GLU A 74 -12.60 -9.27 8.61
CA GLU A 74 -12.70 -8.72 9.94
C GLU A 74 -11.47 -9.11 10.78
N LEU A 75 -11.09 -10.39 10.74
CA LEU A 75 -9.88 -10.82 11.43
C LEU A 75 -8.65 -10.04 10.95
N LEU A 76 -8.61 -9.75 9.66
CA LEU A 76 -7.49 -8.99 9.11
C LEU A 76 -7.45 -7.59 9.68
N LYS A 77 -8.61 -6.93 9.71
CA LYS A 77 -8.68 -5.58 10.25
C LYS A 77 -8.27 -5.55 11.73
N LEU A 78 -8.73 -6.55 12.48
CA LEU A 78 -8.42 -6.61 13.89
C LEU A 78 -6.92 -6.77 14.04
N ALA A 79 -6.37 -7.77 13.37
CA ALA A 79 -4.94 -8.03 13.35
C ALA A 79 -4.12 -6.78 13.04
N LYS A 80 -4.42 -6.11 11.92
CA LYS A 80 -3.75 -4.86 11.62
C LYS A 80 -3.86 -3.85 12.76
N ALA A 81 -5.05 -3.73 13.37
CA ALA A 81 -5.24 -2.76 14.45
C ALA A 81 -4.28 -3.06 15.59
N ALA A 82 -4.27 -4.33 16.00
CA ALA A 82 -3.39 -4.79 17.07
C ALA A 82 -1.95 -4.45 16.73
N TYR A 83 -1.56 -4.74 15.49
CA TYR A 83 -0.22 -4.46 15.02
C TYR A 83 0.14 -2.99 15.21
N TYR A 84 -0.67 -2.09 14.66
CA TYR A 84 -0.30 -0.68 14.68
C TYR A 84 -0.43 -0.06 16.06
N SER A 85 -1.30 -0.61 16.89
CA SER A 85 -1.50 -0.07 18.21
C SER A 85 -0.51 -0.70 19.19
N GLY A 86 0.16 -1.76 18.75
CA GLY A 86 1.06 -2.46 19.63
C GLY A 86 0.34 -3.21 20.73
N THR A 87 -0.75 -3.88 20.37
CA THR A 87 -1.53 -4.63 21.34
C THR A 87 -1.77 -6.06 20.89
N THR A 88 -2.33 -6.85 21.78
CA THR A 88 -2.82 -8.17 21.45
C THR A 88 -4.14 -8.04 20.73
N VAL A 89 -4.52 -9.08 19.97
CA VAL A 89 -5.77 -9.09 19.23
C VAL A 89 -6.97 -8.87 20.14
N GLU A 90 -6.99 -9.60 21.25
CA GLU A 90 -8.05 -9.41 22.24
C GLU A 90 -7.99 -7.98 22.81
N GLU A 91 -6.78 -7.48 23.07
CA GLU A 91 -6.64 -6.14 23.61
C GLU A 91 -7.23 -5.14 22.62
N ALA A 92 -6.98 -5.34 21.33
CA ALA A 92 -7.57 -4.50 20.30
C ALA A 92 -9.10 -4.50 20.42
N TYR A 93 -9.67 -5.68 20.71
CA TYR A 93 -11.13 -5.71 20.96
C TYR A 93 -11.57 -4.86 22.15
N LYS A 94 -10.91 -5.11 23.29
CA LYS A 94 -11.13 -4.34 24.52
C LYS A 94 -10.97 -2.82 24.33
N LEU A 95 -10.12 -2.43 23.38
CA LEU A 95 -9.88 -1.02 23.08
C LEU A 95 -10.98 -0.46 22.18
N ALA A 96 -11.50 -1.29 21.29
CA ALA A 96 -12.65 -0.87 20.49
C ALA A 96 -13.89 -0.75 21.38
N LEU A 97 -13.86 -1.43 22.52
CA LEU A 97 -14.93 -1.33 23.50
C LEU A 97 -14.80 -0.04 24.31
N LYS A 98 -13.67 0.14 24.98
CA LYS A 98 -13.44 1.30 25.82
C LYS A 98 -13.52 2.65 25.08
N LEU A 99 -14.01 2.62 23.83
CA LEU A 99 -14.05 3.80 22.97
C LEU A 99 -15.34 3.88 22.14
N GLY A 100 -16.13 2.81 22.20
CA GLY A 100 -17.39 2.71 21.48
C GLY A 100 -17.18 2.83 19.98
N ILE A 101 -16.14 2.15 19.50
CA ILE A 101 -15.60 2.38 18.18
C ILE A 101 -15.73 1.13 17.31
N SER A 102 -16.01 1.30 16.02
CA SER A 102 -16.05 0.18 15.07
C SER A 102 -14.62 -0.26 14.76
N VAL A 103 -14.41 -1.56 14.49
CA VAL A 103 -13.06 -2.08 14.28
C VAL A 103 -12.37 -1.40 13.10
N GLU A 104 -13.14 -1.06 12.08
CA GLU A 104 -12.63 -0.30 10.95
C GLU A 104 -12.07 1.03 11.48
N GLU A 105 -12.82 1.64 12.38
CA GLU A 105 -12.47 2.95 12.92
C GLU A 105 -11.21 2.85 13.78
N LEU A 106 -11.17 1.81 14.61
CA LEU A 106 -10.02 1.50 15.41
C LEU A 106 -8.75 1.32 14.55
N LEU A 107 -8.87 0.63 13.42
CA LEU A 107 -7.73 0.45 12.53
C LEU A 107 -7.24 1.79 11.98
N LYS A 108 -8.16 2.60 11.47
CA LYS A 108 -7.80 3.91 10.96
C LYS A 108 -7.08 4.75 12.02
N LEU A 109 -7.59 4.64 13.25
CA LEU A 109 -7.05 5.33 14.42
C LEU A 109 -5.66 4.85 14.82
N ALA A 110 -5.48 3.54 14.79
CA ALA A 110 -4.23 2.93 15.18
C ALA A 110 -3.16 3.28 14.17
N LYS A 111 -3.50 3.21 12.88
CA LYS A 111 -2.57 3.64 11.84
C LYS A 111 -2.23 5.12 12.06
N ALA A 112 -3.23 5.92 12.41
CA ALA A 112 -3.01 7.35 12.68
C ALA A 112 -1.97 7.55 13.80
N ALA A 113 -2.21 6.91 14.95
CA ALA A 113 -1.26 6.94 16.06
C ALA A 113 0.16 6.54 15.60
N TYR A 114 0.23 5.46 14.83
CA TYR A 114 1.49 4.92 14.34
C TYR A 114 2.28 5.93 13.52
N TYR A 115 1.68 6.42 12.45
CA TYR A 115 2.29 7.46 11.63
C TYR A 115 2.62 8.71 12.40
N SER A 116 1.86 9.03 13.44
CA SER A 116 2.05 10.34 14.04
C SER A 116 2.82 10.24 15.35
N GLY A 117 3.23 9.03 15.72
CA GLY A 117 3.97 8.82 16.94
C GLY A 117 3.20 9.12 18.22
N THR A 118 1.94 8.70 18.28
CA THR A 118 1.19 8.85 19.53
C THR A 118 0.62 7.52 19.94
N THR A 119 0.00 7.51 21.11
CA THR A 119 -0.81 6.39 21.54
C THR A 119 -2.14 6.49 20.81
N VAL A 120 -2.87 5.38 20.73
CA VAL A 120 -4.19 5.41 20.12
C VAL A 120 -5.12 6.34 20.90
N GLU A 121 -5.06 6.27 22.23
CA GLU A 121 -5.94 7.09 23.07
C GLU A 121 -5.66 8.59 22.84
N GLU A 122 -4.39 8.92 22.67
CA GLU A 122 -3.98 10.27 22.33
C GLU A 122 -4.52 10.69 20.98
N ALA A 123 -4.46 9.79 20.01
CA ALA A 123 -4.88 10.11 18.66
C ALA A 123 -6.37 10.39 18.63
N TYR A 124 -7.11 9.62 19.42
CA TYR A 124 -8.53 9.86 19.62
C TYR A 124 -8.77 11.26 20.18
N LYS A 125 -8.19 11.49 21.36
CA LYS A 125 -8.26 12.80 22.01
C LYS A 125 -7.92 13.95 21.06
N LEU A 126 -6.95 13.74 20.17
CA LEU A 126 -6.51 14.78 19.22
C LEU A 126 -7.53 15.02 18.13
N ALA A 127 -8.12 13.95 17.62
CA ALA A 127 -9.20 14.10 16.66
C ALA A 127 -10.31 14.94 17.28
N LEU A 128 -10.61 14.67 18.56
CA LEU A 128 -11.66 15.42 19.25
C LEU A 128 -11.25 16.89 19.47
N LYS A 129 -10.01 17.12 19.88
CA LYS A 129 -9.51 18.47 20.10
C LYS A 129 -9.59 19.32 18.83
N LEU A 130 -8.97 18.84 17.75
CA LEU A 130 -9.01 19.55 16.47
C LEU A 130 -10.40 19.72 15.88
N GLY A 131 -11.35 18.88 16.30
CA GLY A 131 -12.70 18.90 15.75
C GLY A 131 -12.82 18.20 14.39
N ILE A 132 -12.08 17.10 14.22
CA ILE A 132 -12.01 16.45 12.93
C ILE A 132 -12.38 14.97 13.02
N SER A 133 -12.68 14.39 11.86
CA SER A 133 -13.06 12.97 11.80
C SER A 133 -11.80 12.13 11.88
N VAL A 134 -11.95 10.86 12.24
CA VAL A 134 -10.83 9.94 12.34
C VAL A 134 -10.07 9.77 11.01
N GLU A 135 -10.78 9.77 9.90
CA GLU A 135 -10.11 9.49 8.66
C GLU A 135 -9.30 10.72 8.26
N GLU A 136 -9.85 11.88 8.58
CA GLU A 136 -9.15 13.15 8.44
C GLU A 136 -7.84 13.14 9.26
N LEU A 137 -7.96 12.71 10.51
CA LEU A 137 -6.80 12.51 11.38
C LEU A 137 -5.74 11.61 10.72
N LEU A 138 -6.20 10.53 10.10
CA LEU A 138 -5.29 9.64 9.40
C LEU A 138 -4.54 10.35 8.28
N LYS A 139 -5.28 11.06 7.42
CA LYS A 139 -4.64 11.82 6.35
C LYS A 139 -3.62 12.82 6.90
N LEU A 140 -3.95 13.47 8.01
CA LEU A 140 -3.02 14.45 8.59
C LEU A 140 -1.77 13.76 9.09
N ALA A 141 -1.95 12.62 9.75
CA ALA A 141 -0.86 11.82 10.27
C ALA A 141 0.07 11.38 9.15
N GLU A 142 -0.48 10.87 8.06
CA GLU A 142 0.38 10.49 6.94
C GLU A 142 1.09 11.72 6.34
N ALA A 143 0.38 12.83 6.16
CA ALA A 143 1.02 14.03 5.61
C ALA A 143 2.18 14.53 6.49
N ALA A 144 1.91 14.53 7.79
CA ALA A 144 2.88 14.89 8.81
C ALA A 144 4.11 14.01 8.66
N TYR A 145 3.85 12.71 8.60
CA TYR A 145 4.87 11.71 8.47
C TYR A 145 5.75 11.95 7.22
N TYR A 146 5.14 11.99 6.05
CA TYR A 146 5.86 12.22 4.80
C TYR A 146 6.59 13.56 4.73
N SER A 147 6.09 14.56 5.45
CA SER A 147 6.66 15.90 5.35
C SER A 147 7.51 16.26 6.55
N GLY A 148 7.65 15.32 7.47
CA GLY A 148 8.46 15.54 8.65
C GLY A 148 7.96 16.63 9.58
N THR A 149 6.64 16.79 9.68
CA THR A 149 6.06 17.72 10.66
C THR A 149 5.12 17.00 11.63
N THR A 150 4.52 17.76 12.53
CA THR A 150 3.53 17.20 13.45
C THR A 150 2.16 17.25 12.83
N VAL A 151 1.24 16.51 13.41
CA VAL A 151 -0.15 16.59 12.99
C VAL A 151 -0.71 18.02 13.10
N GLU A 152 -0.39 18.71 14.19
CA GLU A 152 -0.93 20.04 14.42
C GLU A 152 -0.37 21.03 13.39
N GLU A 153 0.93 20.87 13.13
CA GLU A 153 1.57 21.69 12.11
C GLU A 153 1.00 21.40 10.72
N ALA A 154 0.75 20.13 10.42
CA ALA A 154 0.20 19.78 9.11
C ALA A 154 -1.20 20.37 8.91
N TYR A 155 -2.04 20.25 9.95
CA TYR A 155 -3.34 20.91 10.01
C TYR A 155 -3.24 22.39 9.66
N LYS A 156 -2.38 23.06 10.41
CA LYS A 156 -2.18 24.48 10.19
C LYS A 156 -1.71 24.72 8.76
N LEU A 157 -0.92 23.79 8.22
CA LEU A 157 -0.26 23.98 6.94
C LEU A 157 -1.26 23.91 5.80
N ALA A 158 -2.16 22.91 5.87
CA ALA A 158 -3.24 22.80 4.91
C ALA A 158 -3.98 24.13 4.89
N LEU A 159 -4.19 24.69 6.07
CA LEU A 159 -4.79 26.01 6.11
C LEU A 159 -3.95 27.14 5.46
N LYS A 160 -2.68 27.26 5.83
CA LYS A 160 -1.84 28.40 5.44
C LYS A 160 -1.21 28.26 4.04
N LEU A 161 -1.54 27.16 3.37
CA LEU A 161 -1.22 27.00 1.95
C LEU A 161 -2.49 27.17 1.15
N GLY A 162 -3.63 27.22 1.84
CA GLY A 162 -4.92 27.33 1.19
C GLY A 162 -5.33 26.06 0.47
N ILE A 163 -5.00 24.91 1.07
CA ILE A 163 -5.25 23.60 0.47
C ILE A 163 -6.12 22.71 1.37
N SER A 164 -6.70 21.68 0.76
CA SER A 164 -7.49 20.66 1.47
C SER A 164 -6.53 19.64 2.00
N VAL A 165 -6.96 18.89 3.01
CA VAL A 165 -6.06 17.93 3.66
C VAL A 165 -5.64 16.85 2.66
N GLU A 166 -6.58 16.47 1.81
CA GLU A 166 -6.30 15.50 0.76
C GLU A 166 -5.14 15.99 -0.14
N GLU A 167 -5.25 17.25 -0.59
CA GLU A 167 -4.25 17.88 -1.46
C GLU A 167 -2.90 17.96 -0.77
N LEU A 168 -2.91 18.33 0.51
CA LEU A 168 -1.70 18.37 1.32
C LEU A 168 -1.05 16.99 1.46
N LEU A 169 -1.87 15.95 1.57
CA LEU A 169 -1.34 14.62 1.68
C LEU A 169 -0.62 14.31 0.38
N LYS A 170 -1.34 14.44 -0.73
CA LYS A 170 -0.77 14.17 -2.06
C LYS A 170 0.58 14.90 -2.25
N LEU A 171 0.60 16.17 -1.85
CA LEU A 171 1.79 17.02 -1.95
C LEU A 171 2.89 16.49 -1.07
N ALA A 172 2.53 16.04 0.13
CA ALA A 172 3.50 15.51 1.06
C ALA A 172 4.14 14.22 0.53
N LYS A 173 3.35 13.25 0.10
CA LYS A 173 3.88 12.04 -0.54
C LYS A 173 4.78 12.40 -1.72
N ALA A 174 4.34 13.35 -2.55
CA ALA A 174 5.14 13.79 -3.68
C ALA A 174 6.50 14.36 -3.25
N ALA A 175 6.48 15.25 -2.25
CA ALA A 175 7.71 15.87 -1.74
C ALA A 175 8.65 14.80 -1.21
N TYR A 176 8.08 13.86 -0.47
CA TYR A 176 8.82 12.78 0.13
C TYR A 176 9.50 11.90 -0.93
N TYR A 177 8.78 11.55 -1.98
CA TYR A 177 9.35 10.72 -3.03
C TYR A 177 10.36 11.46 -3.90
N SER A 178 10.19 12.78 -4.05
CA SER A 178 11.10 13.51 -4.89
C SER A 178 12.20 14.12 -4.05
N GLY A 179 12.06 13.98 -2.74
CA GLY A 179 13.06 14.47 -1.82
C GLY A 179 13.10 15.98 -1.68
N THR A 180 11.93 16.62 -1.65
CA THR A 180 11.91 18.07 -1.53
C THR A 180 10.99 18.54 -0.43
N THR A 181 10.88 19.86 -0.28
CA THR A 181 9.93 20.46 0.64
C THR A 181 8.55 20.40 -0.01
N VAL A 182 7.51 20.52 0.80
CA VAL A 182 6.16 20.62 0.26
C VAL A 182 6.05 21.82 -0.66
N GLU A 183 6.59 22.95 -0.22
CA GLU A 183 6.47 24.16 -1.00
C GLU A 183 7.14 23.95 -2.35
N GLU A 184 8.34 23.41 -2.34
CA GLU A 184 9.02 23.09 -3.58
C GLU A 184 8.16 22.19 -4.46
N ALA A 185 7.58 21.17 -3.86
CA ALA A 185 6.72 20.25 -4.59
C ALA A 185 5.65 21.01 -5.35
N TYR A 186 4.92 21.88 -4.66
CA TYR A 186 3.87 22.62 -5.33
C TYR A 186 4.42 23.55 -6.44
N LYS A 187 5.53 24.23 -6.17
CA LYS A 187 6.10 25.11 -7.19
C LYS A 187 6.50 24.28 -8.41
N LEU A 188 6.93 23.04 -8.18
CA LEU A 188 7.31 22.18 -9.28
C LEU A 188 6.07 21.82 -10.08
N ALA A 189 4.96 21.59 -9.39
CA ALA A 189 3.73 21.25 -10.08
C ALA A 189 3.23 22.42 -10.95
N LEU A 190 3.37 23.64 -10.43
CA LEU A 190 2.98 24.81 -11.21
C LEU A 190 3.91 25.05 -12.39
N LYS A 191 5.21 24.94 -12.15
CA LYS A 191 6.22 25.07 -13.18
C LYS A 191 5.89 24.22 -14.38
N LEU A 192 5.81 22.90 -14.16
CA LEU A 192 5.48 21.95 -15.23
C LEU A 192 4.05 22.09 -15.76
N GLY A 193 3.25 22.91 -15.08
CA GLY A 193 1.87 23.14 -15.49
C GLY A 193 1.05 21.89 -15.34
N ILE A 194 1.15 21.28 -14.17
CA ILE A 194 0.56 19.98 -13.93
C ILE A 194 -0.25 19.96 -12.64
N SER A 195 -1.07 18.93 -12.52
CA SER A 195 -1.88 18.65 -11.34
C SER A 195 -1.06 18.02 -10.20
N VAL A 196 -1.47 18.26 -8.95
CA VAL A 196 -0.78 17.71 -7.79
C VAL A 196 -0.83 16.17 -7.84
N GLU A 197 -1.90 15.65 -8.41
CA GLU A 197 -2.07 14.21 -8.56
C GLU A 197 -1.03 13.71 -9.53
N GLU A 198 -0.97 14.39 -10.67
CA GLU A 198 0.03 14.15 -11.70
C GLU A 198 1.44 14.24 -11.10
N LEU A 199 1.67 15.28 -10.29
CA LEU A 199 2.96 15.42 -9.62
C LEU A 199 3.31 14.21 -8.75
N LEU A 200 2.34 13.75 -7.98
CA LEU A 200 2.52 12.57 -7.15
C LEU A 200 2.91 11.36 -8.01
N LYS A 201 2.18 11.13 -9.10
CA LYS A 201 2.45 9.96 -9.94
C LYS A 201 3.84 10.06 -10.55
N LEU A 202 4.19 11.29 -10.96
CA LEU A 202 5.49 11.58 -11.54
C LEU A 202 6.61 11.26 -10.58
N ALA A 203 6.45 11.69 -9.33
CA ALA A 203 7.44 11.47 -8.29
C ALA A 203 7.55 9.99 -7.93
N LYS A 204 6.44 9.26 -8.00
CA LYS A 204 6.56 7.82 -7.79
C LYS A 204 7.34 7.18 -8.94
N ALA A 205 7.03 7.60 -10.17
CA ALA A 205 7.71 7.03 -11.32
C ALA A 205 9.21 7.31 -11.24
N ALA A 206 9.54 8.56 -10.92
CA ALA A 206 10.91 9.03 -10.79
C ALA A 206 11.65 8.22 -9.74
N TYR A 207 10.99 8.05 -8.60
CA TYR A 207 11.52 7.23 -7.52
C TYR A 207 11.84 5.80 -7.98
N TYR A 208 10.86 5.18 -8.63
CA TYR A 208 10.96 3.77 -9.00
C TYR A 208 11.94 3.52 -10.11
N SER A 209 12.26 4.54 -10.89
CA SER A 209 13.17 4.34 -12.00
C SER A 209 14.51 5.05 -11.79
N GLY A 210 14.68 5.73 -10.67
CA GLY A 210 15.95 6.34 -10.36
C GLY A 210 16.26 7.58 -11.17
N THR A 211 15.25 8.41 -11.41
CA THR A 211 15.42 9.67 -12.14
C THR A 211 14.84 10.83 -11.34
N THR A 212 14.97 12.05 -11.87
CA THR A 212 14.33 13.19 -11.25
C THR A 212 12.90 13.29 -11.75
N VAL A 213 12.11 14.15 -11.11
CA VAL A 213 10.75 14.41 -11.56
C VAL A 213 10.69 15.04 -12.96
N GLU A 214 11.60 15.98 -13.22
CA GLU A 214 11.58 16.70 -14.50
C GLU A 214 11.95 15.74 -15.62
N GLU A 215 12.86 14.82 -15.29
CA GLU A 215 13.24 13.73 -16.18
C GLU A 215 12.09 12.75 -16.44
N ALA A 216 11.31 12.44 -15.41
CA ALA A 216 10.15 11.57 -15.57
C ALA A 216 9.15 12.21 -16.53
N TYR A 217 8.89 13.50 -16.32
CA TYR A 217 8.02 14.24 -17.21
C TYR A 217 8.49 14.12 -18.67
N LYS A 218 9.76 14.41 -18.88
CA LYS A 218 10.28 14.38 -20.24
C LYS A 218 10.22 12.93 -20.81
N LEU A 219 10.60 11.94 -19.99
CA LEU A 219 10.56 10.53 -20.36
C LEU A 219 9.21 10.11 -20.87
N ALA A 220 8.16 10.47 -20.12
CA ALA A 220 6.80 10.09 -20.50
C ALA A 220 6.46 10.71 -21.83
N LEU A 221 6.83 11.97 -22.03
CA LEU A 221 6.65 12.55 -23.37
C LEU A 221 7.43 11.80 -24.48
N LYS A 222 8.71 11.53 -24.24
CA LYS A 222 9.63 10.99 -25.25
C LYS A 222 9.43 9.48 -25.49
N LEU A 223 8.52 8.88 -24.73
CA LEU A 223 8.13 7.49 -24.98
C LEU A 223 6.75 7.47 -25.57
N GLY A 224 6.12 8.64 -25.62
CA GLY A 224 4.79 8.78 -26.17
C GLY A 224 3.72 8.10 -25.35
N ILE A 225 3.92 8.05 -24.03
CA ILE A 225 2.94 7.46 -23.13
C ILE A 225 2.39 8.46 -22.10
N SER A 226 1.33 8.04 -21.42
CA SER A 226 0.74 8.84 -20.36
C SER A 226 1.56 8.68 -19.09
N VAL A 227 1.38 9.60 -18.14
CA VAL A 227 2.14 9.51 -16.89
C VAL A 227 1.67 8.30 -16.10
N GLU A 228 0.39 7.97 -16.19
CA GLU A 228 -0.14 6.77 -15.54
C GLU A 228 0.63 5.54 -16.05
N GLU A 229 0.75 5.45 -17.37
CA GLU A 229 1.52 4.39 -18.02
C GLU A 229 3.00 4.36 -17.62
N LEU A 230 3.61 5.54 -17.50
CA LEU A 230 4.99 5.59 -17.06
C LEU A 230 5.11 5.02 -15.65
N LEU A 231 4.18 5.38 -14.79
CA LEU A 231 4.21 4.91 -13.42
C LEU A 231 4.15 3.38 -13.41
N LYS A 232 3.19 2.82 -14.13
CA LYS A 232 3.06 1.38 -14.19
C LYS A 232 4.37 0.74 -14.68
N LEU A 233 4.97 1.36 -15.70
CA LEU A 233 6.17 0.81 -16.31
C LEU A 233 7.30 0.80 -15.32
N ALA A 234 7.45 1.91 -14.61
CA ALA A 234 8.56 2.08 -13.68
C ALA A 234 8.42 1.15 -12.48
N GLU A 235 7.20 0.99 -11.97
CA GLU A 235 6.98 -0.02 -10.95
C GLU A 235 7.36 -1.41 -11.48
N ALA A 236 6.92 -1.68 -12.70
CA ALA A 236 7.22 -2.95 -13.35
C ALA A 236 8.73 -3.18 -13.45
N ALA A 237 9.47 -2.15 -13.83
CA ALA A 237 10.90 -2.29 -14.06
C ALA A 237 11.61 -2.42 -12.71
N TYR A 238 11.11 -1.70 -11.72
CA TYR A 238 11.64 -1.76 -10.39
C TYR A 238 11.53 -3.18 -9.82
N TYR A 239 10.38 -3.82 -9.98
CA TYR A 239 10.21 -5.17 -9.48
C TYR A 239 10.88 -6.21 -10.37
N SER A 240 10.96 -5.91 -11.66
CA SER A 240 11.50 -6.83 -12.63
C SER A 240 13.02 -6.78 -12.62
N GLY A 241 13.58 -5.79 -11.93
CA GLY A 241 15.02 -5.65 -11.88
C GLY A 241 15.58 -5.13 -13.19
N THR A 242 14.72 -4.52 -14.00
CA THR A 242 15.14 -4.01 -15.31
C THR A 242 14.91 -2.52 -15.40
N THR A 243 15.25 -1.96 -16.56
CA THR A 243 14.97 -0.56 -16.89
C THR A 243 13.60 -0.40 -17.53
N VAL A 244 13.11 0.84 -17.58
CA VAL A 244 11.82 1.15 -18.18
C VAL A 244 11.66 0.59 -19.59
N GLU A 245 12.73 0.72 -20.37
CA GLU A 245 12.70 0.36 -21.78
C GLU A 245 12.73 -1.16 -21.93
N GLU A 246 13.58 -1.81 -21.15
CA GLU A 246 13.59 -3.26 -21.14
C GLU A 246 12.22 -3.79 -20.77
N ALA A 247 11.66 -3.20 -19.72
CA ALA A 247 10.37 -3.62 -19.21
C ALA A 247 9.33 -3.52 -20.31
N TYR A 248 9.34 -2.42 -21.07
CA TYR A 248 8.33 -2.27 -22.12
C TYR A 248 8.52 -3.29 -23.25
N LYS A 249 9.77 -3.43 -23.72
CA LYS A 249 10.09 -4.45 -24.72
C LYS A 249 9.59 -5.81 -24.27
N LEU A 250 9.68 -6.06 -22.97
CA LEU A 250 9.26 -7.33 -22.40
C LEU A 250 7.75 -7.46 -22.49
N ALA A 251 7.03 -6.41 -22.10
CA ALA A 251 5.58 -6.42 -22.22
C ALA A 251 5.14 -6.77 -23.65
N LEU A 252 5.80 -6.16 -24.63
CA LEU A 252 5.59 -6.50 -26.04
C LEU A 252 5.95 -7.95 -26.36
N LYS A 253 7.10 -8.40 -25.87
CA LYS A 253 7.63 -9.72 -26.15
C LYS A 253 6.74 -10.87 -25.65
N LEU A 254 6.01 -10.63 -24.56
CA LEU A 254 5.08 -11.64 -24.06
C LEU A 254 3.64 -11.38 -24.50
N GLY A 255 3.42 -10.32 -25.27
CA GLY A 255 2.10 -9.99 -25.76
C GLY A 255 1.12 -9.55 -24.68
N ILE A 256 1.63 -8.88 -23.66
CA ILE A 256 0.77 -8.47 -22.54
C ILE A 256 0.76 -6.97 -22.36
N SER A 257 -0.26 -6.46 -21.67
CA SER A 257 -0.34 -5.04 -21.38
C SER A 257 0.62 -4.69 -20.26
N VAL A 258 0.83 -3.40 -20.02
CA VAL A 258 1.78 -2.97 -19.01
C VAL A 258 1.24 -3.30 -17.61
N GLU A 259 -0.08 -3.21 -17.45
CA GLU A 259 -0.73 -3.54 -16.17
C GLU A 259 -0.45 -4.99 -15.81
N GLU A 260 -0.66 -5.84 -16.81
CA GLU A 260 -0.35 -7.26 -16.77
C GLU A 260 1.10 -7.51 -16.34
N LEU A 261 2.03 -6.84 -17.00
CA LEU A 261 3.46 -6.97 -16.70
C LEU A 261 3.82 -6.55 -15.28
N LEU A 262 3.19 -5.49 -14.80
CA LEU A 262 3.36 -5.02 -13.44
C LEU A 262 2.92 -6.12 -12.47
N LYS A 263 1.77 -6.70 -12.77
CA LYS A 263 1.23 -7.74 -11.88
C LYS A 263 2.16 -8.96 -11.85
N LEU A 264 2.59 -9.40 -13.03
CA LEU A 264 3.54 -10.49 -13.16
C LEU A 264 4.84 -10.22 -12.40
N ALA A 265 5.37 -9.00 -12.53
CA ALA A 265 6.61 -8.62 -11.91
C ALA A 265 6.49 -8.66 -10.39
N LYS A 266 5.36 -8.18 -9.89
CA LYS A 266 5.07 -8.31 -8.46
C LYS A 266 5.00 -9.80 -8.06
N ALA A 267 4.31 -10.60 -8.85
CA ALA A 267 4.15 -12.02 -8.57
C ALA A 267 5.50 -12.77 -8.51
N ALA A 268 6.31 -12.56 -9.53
CA ALA A 268 7.66 -13.11 -9.58
C ALA A 268 8.48 -12.66 -8.36
N TYR A 269 8.35 -11.38 -8.01
CA TYR A 269 8.97 -10.87 -6.80
C TYR A 269 8.56 -11.62 -5.51
N TYR A 270 7.27 -11.80 -5.29
CA TYR A 270 6.79 -12.43 -4.07
C TYR A 270 7.05 -13.92 -4.01
N SER A 271 7.13 -14.56 -5.18
CA SER A 271 7.33 -15.99 -5.21
C SER A 271 8.77 -16.36 -5.53
N GLY A 272 9.62 -15.36 -5.76
CA GLY A 272 11.04 -15.60 -5.94
C GLY A 272 11.48 -16.13 -7.29
N THR A 273 10.77 -15.76 -8.35
CA THR A 273 11.12 -16.22 -9.70
C THR A 273 11.37 -15.05 -10.67
N THR A 274 11.88 -15.36 -11.85
CA THR A 274 11.95 -14.35 -12.89
C THR A 274 10.54 -14.13 -13.42
N VAL A 275 10.41 -13.14 -14.29
CA VAL A 275 9.13 -12.73 -14.82
C VAL A 275 8.69 -13.68 -15.94
N GLU A 276 9.63 -14.11 -16.78
CA GLU A 276 9.32 -15.10 -17.82
C GLU A 276 8.80 -16.40 -17.19
N GLU A 277 9.46 -16.83 -16.12
CA GLU A 277 9.00 -17.97 -15.35
C GLU A 277 7.60 -17.78 -14.78
N ALA A 278 7.33 -16.60 -14.23
CA ALA A 278 6.07 -16.37 -13.58
C ALA A 278 4.94 -16.46 -14.60
N TYR A 279 5.15 -15.80 -15.73
CA TYR A 279 4.29 -15.93 -16.88
C TYR A 279 4.01 -17.40 -17.25
N LYS A 280 5.09 -18.14 -17.49
CA LYS A 280 5.00 -19.56 -17.86
C LYS A 280 4.22 -20.38 -16.83
N LEU A 281 4.32 -19.95 -15.58
CA LEU A 281 3.67 -20.63 -14.48
C LEU A 281 2.16 -20.37 -14.52
N ALA A 282 1.80 -19.15 -14.87
CA ALA A 282 0.38 -18.81 -14.94
C ALA A 282 -0.25 -19.65 -16.02
N LEU A 283 0.44 -19.72 -17.15
CA LEU A 283 -0.04 -20.53 -18.26
C LEU A 283 -0.12 -22.02 -17.91
N LYS A 284 0.88 -22.52 -17.18
CA LYS A 284 0.92 -23.93 -16.77
C LYS A 284 -0.28 -24.24 -15.88
N LEU A 285 -0.38 -23.52 -14.75
CA LEU A 285 -1.57 -23.53 -13.95
C LEU A 285 -2.77 -23.06 -14.78
#